data_3EO6
#
_entry.id   3EO6
#
_cell.length_a   30.785
_cell.length_b   82.028
_cell.length_c   40.847
_cell.angle_alpha   90.000
_cell.angle_beta   109.950
_cell.angle_gamma   90.000
#
_symmetry.space_group_name_H-M   'P 1 21 1'
#
loop_
_entity.id
_entity.type
_entity.pdbx_description
1 polymer 'protein of unknown function (DUF1255)'
2 non-polymer 'MAGNESIUM ION'
3 non-polymer 2-AMINO-2-HYDROXYMETHYL-PROPANE-1,3-DIOL
4 water water
#
_entity_poly.entity_id   1
_entity_poly.type   'polypeptide(L)'
_entity_poly.pdbx_seq_one_letter_code
;G(MSE)APDQQVPATALGKSSRISLDGRRSERSVILADGS(MSE)HSLTLLHPGVYTLSSEVAETIRVLSG(MSE)AYYH
AEGANDVQELHAGDS(MSE)VIPANQSYRLEV(MSE)EPLDYLLSS
;
_entity_poly.pdbx_strand_id   A,B
#
# COMPACT_ATOMS: atom_id res chain seq x y z
N GLY A 1 -16.24 5.51 -8.46
CA GLY A 1 -16.14 4.41 -7.45
C GLY A 1 -15.83 4.95 -6.07
N ALA A 3 -15.64 8.43 -3.52
CA ALA A 3 -16.05 9.83 -3.32
C ALA A 3 -14.80 10.65 -3.19
N PRO A 4 -14.94 11.99 -3.35
CA PRO A 4 -13.75 12.85 -3.23
C PRO A 4 -13.06 12.67 -1.89
N ASP A 5 -13.79 12.49 -0.81
N ASP A 5 -13.90 12.39 -0.84
CA ASP A 5 -13.10 12.46 0.43
CA ASP A 5 -13.48 12.19 0.59
C ASP A 5 -12.34 11.19 0.68
C ASP A 5 -12.59 10.97 0.82
N GLN A 6 -12.44 10.18 -0.20
N GLN A 6 -12.41 10.11 -0.18
CA GLN A 6 -11.80 8.90 -0.03
CA GLN A 6 -11.34 9.11 -0.14
C GLN A 6 -10.44 8.82 -0.70
C GLN A 6 -10.20 9.45 -1.08
N GLN A 7 -10.03 9.89 -1.36
N GLN A 7 -10.38 10.40 -1.96
CA GLN A 7 -8.88 9.87 -2.25
CA GLN A 7 -9.34 10.60 -2.97
C GLN A 7 -8.10 11.18 -2.12
C GLN A 7 -8.20 11.54 -2.54
N VAL A 8 -6.91 11.11 -2.66
CA VAL A 8 -5.88 12.13 -2.64
C VAL A 8 -5.34 12.32 -4.06
N PRO A 9 -5.36 13.56 -4.58
CA PRO A 9 -4.84 13.77 -5.92
C PRO A 9 -3.35 13.45 -6.02
N ALA A 10 -2.97 12.63 -7.00
N ALA A 10 -3.01 12.88 -7.17
CA ALA A 10 -1.59 12.16 -7.13
CA ALA A 10 -1.70 12.30 -7.39
C ALA A 10 -1.21 12.05 -8.58
C ALA A 10 -1.20 12.65 -8.77
N THR A 11 0.08 12.37 -8.81
N THR A 11 0.04 12.27 -9.01
CA THR A 11 0.79 12.34 -10.09
CA THR A 11 0.61 12.21 -10.32
C THR A 11 1.21 10.94 -10.57
C THR A 11 1.24 10.86 -10.65
N ALA A 12 1.78 10.13 -9.66
CA ALA A 12 2.43 8.90 -10.01
C ALA A 12 2.51 8.02 -8.80
N LEU A 13 2.53 6.71 -9.06
N LEU A 13 2.46 6.72 -9.03
CA LEU A 13 2.55 5.62 -8.04
CA LEU A 13 2.76 5.77 -7.98
C LEU A 13 3.77 4.75 -8.33
C LEU A 13 3.94 4.92 -8.38
N GLY A 14 4.65 4.53 -7.36
CA GLY A 14 5.75 3.63 -7.52
C GLY A 14 5.31 2.19 -7.72
N LYS A 15 5.95 1.48 -8.62
CA LYS A 15 5.58 0.10 -8.91
C LYS A 15 5.89 -0.86 -7.75
N SER A 16 7.07 -0.71 -7.16
N SER A 16 7.08 -0.73 -7.19
CA SER A 16 7.61 -1.72 -6.26
CA SER A 16 7.50 -1.70 -6.22
C SER A 16 7.48 -1.31 -4.80
C SER A 16 7.27 -1.21 -4.80
N SER A 17 6.80 -2.15 -4.01
CA SER A 17 6.69 -1.93 -2.57
C SER A 17 7.94 -2.42 -1.87
N ARG A 18 8.14 -1.90 -0.67
N ARG A 18 8.14 -1.83 -0.69
CA ARG A 18 9.18 -2.39 0.23
CA ARG A 18 9.15 -2.23 0.28
C ARG A 18 8.53 -2.74 1.53
C ARG A 18 8.40 -2.79 1.51
N ILE A 19 8.72 -4.01 1.91
CA ILE A 19 8.13 -4.63 3.09
C ILE A 19 9.18 -4.63 4.19
N SER A 20 8.77 -4.32 5.42
CA SER A 20 9.67 -4.32 6.55
C SER A 20 8.90 -4.67 7.84
N LEU A 21 9.62 -4.68 8.94
CA LEU A 21 9.04 -4.91 10.26
C LEU A 21 8.31 -6.25 10.29
N ASP A 22 8.98 -7.30 9.82
CA ASP A 22 8.43 -8.64 9.87
C ASP A 22 7.10 -8.70 9.16
N GLY A 23 6.99 -8.00 8.04
CA GLY A 23 5.78 -8.03 7.24
C GLY A 23 4.69 -7.08 7.69
N ARG A 24 4.96 -6.33 8.77
N ARG A 24 4.93 -6.24 8.68
CA ARG A 24 3.98 -5.40 9.39
CA ARG A 24 3.85 -5.43 9.22
C ARG A 24 3.87 -4.06 8.69
C ARG A 24 3.92 -3.98 8.76
N ARG A 25 4.86 -3.67 7.90
CA ARG A 25 4.89 -2.39 7.24
C ARG A 25 5.16 -2.60 5.77
N SER A 26 4.32 -2.02 4.92
N SER A 26 4.47 -1.80 4.93
CA SER A 26 4.61 -2.00 3.51
CA SER A 26 4.80 -1.73 3.50
C SER A 26 4.46 -0.59 3.01
C SER A 26 4.72 -0.31 3.02
N GLU A 27 5.24 -0.23 1.98
N GLU A 27 5.62 0.04 2.13
CA GLU A 27 5.19 1.15 1.45
CA GLU A 27 5.72 1.39 1.61
C GLU A 27 5.78 1.33 0.08
C GLU A 27 5.80 1.25 0.07
N ARG A 28 5.30 2.42 -0.49
N ARG A 28 5.21 2.16 -0.68
CA ARG A 28 5.33 2.66 -1.88
CA ARG A 28 5.73 2.49 -2.00
C ARG A 28 5.70 4.13 -2.14
C ARG A 28 5.90 4.00 -2.04
N SER A 29 6.74 4.45 -2.94
CA SER A 29 6.92 5.86 -3.19
C SER A 29 5.79 6.37 -4.08
N VAL A 30 5.36 7.60 -3.85
CA VAL A 30 4.35 8.25 -4.66
C VAL A 30 4.71 9.70 -4.87
N ILE A 31 4.18 10.27 -5.93
N ILE A 31 4.15 10.24 -5.95
CA ILE A 31 4.30 11.71 -6.18
CA ILE A 31 4.24 11.66 -6.32
C ILE A 31 2.90 12.24 -6.20
C ILE A 31 2.83 12.24 -6.21
N LEU A 32 2.62 13.24 -5.36
CA LEU A 32 1.32 13.84 -5.25
C LEU A 32 1.09 14.84 -6.37
N ALA A 33 -0.11 15.38 -6.47
CA ALA A 33 -0.48 16.28 -7.56
C ALA A 33 0.44 17.51 -7.63
N ASP A 34 0.96 17.96 -6.50
CA ASP A 34 1.86 19.09 -6.45
C ASP A 34 3.33 18.78 -6.72
N GLY A 35 3.62 17.53 -7.05
CA GLY A 35 4.94 17.12 -7.41
C GLY A 35 5.80 16.63 -6.26
N SER A 36 5.29 16.68 -5.04
CA SER A 36 6.03 16.27 -3.84
C SER A 36 6.08 14.73 -3.75
N HIS A 38 6.53 11.27 -1.46
CA HIS A 38 6.25 10.71 -0.17
C HIS A 38 6.35 9.20 -0.22
N SER A 39 6.52 8.59 0.95
N SER A 39 6.52 8.58 0.94
N SER A 39 6.61 8.59 0.92
CA SER A 39 6.31 7.16 1.15
CA SER A 39 6.35 7.14 1.05
CA SER A 39 6.36 7.20 1.05
C SER A 39 4.90 6.89 1.62
C SER A 39 4.96 6.84 1.60
C SER A 39 4.89 7.12 1.44
N LEU A 40 4.13 6.25 0.75
CA LEU A 40 2.75 5.90 1.07
C LEU A 40 2.78 4.55 1.79
N THR A 41 2.52 4.59 3.09
CA THR A 41 2.80 3.52 4.00
C THR A 41 1.53 2.94 4.58
N LEU A 42 1.51 1.61 4.73
CA LEU A 42 0.51 0.88 5.49
C LEU A 42 1.25 0.19 6.65
N LEU A 43 0.81 0.47 7.87
CA LEU A 43 1.37 -0.12 9.07
C LEU A 43 0.28 -0.88 9.76
N HIS A 44 0.49 -2.21 9.87
N HIS A 44 0.52 -2.18 9.98
CA HIS A 44 -0.50 -3.12 10.41
CA HIS A 44 -0.48 -3.03 10.61
C HIS A 44 -0.54 -2.95 11.97
C HIS A 44 -0.55 -2.84 12.10
N PRO A 45 -1.67 -3.29 12.65
CA PRO A 45 -1.76 -3.17 14.12
C PRO A 45 -0.56 -3.79 14.85
N GLY A 46 -0.11 -3.10 15.87
CA GLY A 46 1.07 -3.45 16.65
C GLY A 46 1.65 -2.24 17.28
N VAL A 47 2.83 -2.39 17.86
CA VAL A 47 3.55 -1.25 18.44
C VAL A 47 4.99 -1.32 17.92
N TYR A 48 5.49 -0.20 17.42
CA TYR A 48 6.74 -0.16 16.68
C TYR A 48 7.58 1.02 17.13
N THR A 49 8.86 0.77 17.36
CA THR A 49 9.79 1.83 17.67
C THR A 49 10.53 2.20 16.40
N LEU A 50 10.38 3.44 15.98
N LEU A 50 10.59 3.47 16.06
CA LEU A 50 10.84 3.97 14.71
CA LEU A 50 11.11 3.90 14.78
C LEU A 50 11.80 5.17 14.98
C LEU A 50 11.93 5.17 15.01
N SER A 51 12.53 5.57 13.93
N SER A 51 12.89 5.41 14.09
CA SER A 51 13.32 6.79 13.97
CA SER A 51 13.71 6.58 14.12
C SER A 51 13.77 7.09 12.58
C SER A 51 14.07 7.00 12.71
N SER A 52 14.26 8.31 12.44
CA SER A 52 14.79 8.77 11.16
C SER A 52 15.95 9.72 11.39
N GLU A 53 16.89 9.72 10.43
N GLU A 53 16.85 9.85 10.44
CA GLU A 53 17.98 10.67 10.41
CA GLU A 53 17.92 10.80 10.59
C GLU A 53 17.52 12.12 10.13
C GLU A 53 17.54 12.17 10.07
N VAL A 54 16.35 12.28 9.50
CA VAL A 54 15.85 13.58 9.05
C VAL A 54 14.42 13.74 9.54
N ALA A 55 14.02 14.96 9.77
CA ALA A 55 12.64 15.27 10.12
C ALA A 55 11.77 14.86 8.93
N GLU A 56 10.62 14.29 9.24
CA GLU A 56 9.65 13.89 8.22
C GLU A 56 8.28 14.36 8.63
N THR A 57 7.53 14.79 7.63
CA THR A 57 6.14 15.13 7.84
C THR A 57 5.30 13.88 7.66
N ILE A 58 4.52 13.53 8.67
CA ILE A 58 3.54 12.46 8.57
C ILE A 58 2.18 13.11 8.30
N ARG A 59 1.43 12.50 7.39
N ARG A 59 1.53 12.66 7.22
CA ARG A 59 0.07 12.91 7.13
CA ARG A 59 0.09 12.89 6.98
C ARG A 59 -0.73 11.62 7.11
C ARG A 59 -0.66 11.54 7.18
N VAL A 60 -1.54 11.45 8.16
CA VAL A 60 -2.33 10.25 8.30
C VAL A 60 -3.52 10.31 7.37
N LEU A 61 -3.68 9.27 6.55
CA LEU A 61 -4.78 9.19 5.62
C LEU A 61 -5.98 8.43 6.14
N SER A 62 -5.73 7.37 6.93
CA SER A 62 -6.76 6.47 7.42
C SER A 62 -6.20 5.69 8.59
N GLY A 63 -7.09 5.28 9.49
CA GLY A 63 -6.68 4.44 10.65
C GLY A 63 -6.39 5.28 11.89
N ALA A 65 -3.57 5.66 15.36
CA ALA A 65 -2.41 5.29 16.08
C ALA A 65 -2.10 6.31 17.17
N TYR A 66 -1.35 5.83 18.12
N TYR A 66 -1.41 5.86 18.18
CA TYR A 66 -0.85 6.62 19.25
CA TYR A 66 -0.82 6.75 19.16
C TYR A 66 0.66 6.89 19.01
C TYR A 66 0.64 6.90 18.87
N TYR A 67 1.06 8.15 18.83
CA TYR A 67 2.44 8.55 18.67
C TYR A 67 3.05 8.88 20.02
N HIS A 68 4.23 8.35 20.27
CA HIS A 68 4.94 8.62 21.51
C HIS A 68 6.36 8.99 21.21
N ALA A 69 6.70 10.26 21.36
CA ALA A 69 8.07 10.74 21.11
C ALA A 69 9.00 10.20 22.12
N GLU A 70 10.29 10.09 21.80
N GLU A 70 10.29 10.15 21.80
CA GLU A 70 11.26 9.49 22.71
CA GLU A 70 11.27 9.60 22.73
C GLU A 70 11.27 10.23 24.06
C GLU A 70 11.13 10.31 24.09
N GLY A 71 10.99 9.49 25.12
CA GLY A 71 10.99 10.01 26.50
C GLY A 71 9.76 10.81 26.89
N ALA A 72 8.75 10.96 26.06
CA ALA A 72 7.66 11.85 26.34
C ALA A 72 6.80 11.33 27.50
N ASN A 73 6.09 12.19 28.23
N ASN A 73 6.00 12.24 28.12
N ASN A 73 6.29 12.33 28.19
CA ASN A 73 5.29 11.67 29.35
CA ASN A 73 5.11 11.91 29.30
CA ASN A 73 5.50 12.05 29.29
C ASN A 73 3.94 11.15 28.94
C ASN A 73 3.69 11.37 29.05
C ASN A 73 4.26 11.32 28.88
N ASP A 74 3.58 11.37 27.69
N ASP A 74 3.29 11.42 27.79
N ASP A 74 3.73 11.54 27.66
CA ASP A 74 2.41 10.72 27.18
CA ASP A 74 2.01 10.92 27.34
CA ASP A 74 2.48 10.89 27.22
C ASP A 74 2.35 10.78 25.70
C ASP A 74 2.23 10.82 25.84
C ASP A 74 2.36 10.81 25.69
N VAL A 75 1.25 10.26 25.18
CA VAL A 75 1.13 10.01 23.74
C VAL A 75 0.20 11.03 23.11
N GLN A 76 0.20 11.05 21.79
CA GLN A 76 -0.66 11.90 21.01
C GLN A 76 -1.39 11.02 20.00
N GLU A 77 -2.71 11.12 19.94
N GLU A 77 -2.67 11.28 19.86
N GLU A 77 -2.72 11.13 19.94
CA GLU A 77 -3.47 10.40 18.92
CA GLU A 77 -3.51 10.48 19.04
CA GLU A 77 -3.46 10.34 18.95
C GLU A 77 -3.29 11.07 17.56
C GLU A 77 -3.34 10.89 17.61
C GLU A 77 -3.37 11.00 17.58
N LEU A 78 -3.03 10.26 16.53
N LEU A 78 -3.38 9.89 16.74
CA LEU A 78 -3.00 10.67 15.12
CA LEU A 78 -3.33 10.14 15.30
C LEU A 78 -4.07 9.90 14.39
C LEU A 78 -4.48 9.45 14.64
N HIS A 79 -5.11 10.62 13.94
N HIS A 79 -5.14 10.18 13.76
CA HIS A 79 -6.29 10.09 13.20
CA HIS A 79 -6.02 9.52 12.88
C HIS A 79 -6.21 10.53 11.69
C HIS A 79 -6.18 10.41 11.68
N ALA A 80 -7.11 10.00 10.86
CA ALA A 80 -7.21 10.49 9.50
C ALA A 80 -7.28 11.99 9.51
N GLY A 81 -6.45 12.64 8.70
CA GLY A 81 -6.37 14.06 8.57
C GLY A 81 -5.31 14.74 9.40
N ASP A 82 -4.73 14.05 10.36
CA ASP A 82 -3.72 14.66 11.22
C ASP A 82 -2.35 14.69 10.53
N SER A 83 -1.68 15.86 10.52
N SER A 83 -1.60 15.68 10.91
CA SER A 83 -0.27 16.01 10.06
CA SER A 83 -0.29 15.79 10.36
C SER A 83 0.64 16.65 11.13
C SER A 83 0.58 16.45 11.38
N VAL A 85 5.22 17.32 11.96
CA VAL A 85 6.62 17.00 11.78
C VAL A 85 7.06 16.07 12.87
N ILE A 86 7.66 14.93 12.49
CA ILE A 86 8.29 14.01 13.41
C ILE A 86 9.77 14.38 13.42
N PRO A 87 10.32 14.82 14.56
N PRO A 87 10.31 14.92 14.55
CA PRO A 87 11.75 15.17 14.59
CA PRO A 87 11.71 15.35 14.46
C PRO A 87 12.68 13.98 14.30
C PRO A 87 12.69 14.13 14.41
N ALA A 88 13.80 14.31 13.72
CA ALA A 88 14.87 13.36 13.54
C ALA A 88 15.54 12.98 14.86
N ASN A 89 16.22 11.86 14.83
CA ASN A 89 17.17 11.51 15.81
C ASN A 89 16.55 11.19 17.19
N GLN A 90 15.34 10.67 17.14
CA GLN A 90 14.67 10.28 18.38
C GLN A 90 13.79 9.04 18.09
N SER A 91 13.82 8.10 19.01
CA SER A 91 13.14 6.83 18.88
C SER A 91 11.68 6.96 19.34
N TYR A 92 10.76 7.18 18.41
CA TYR A 92 9.37 7.35 18.66
C TYR A 92 8.66 6.00 18.50
N ARG A 93 7.49 5.88 19.09
CA ARG A 93 6.64 4.71 18.89
C ARG A 93 5.36 5.10 18.21
N LEU A 94 4.89 4.21 17.36
CA LEU A 94 3.53 4.22 16.86
C LEU A 94 2.87 2.93 17.37
N GLU A 95 1.78 3.14 18.13
CA GLU A 95 0.89 2.03 18.52
C GLU A 95 -0.32 2.13 17.60
N VAL A 96 -0.41 1.16 16.70
CA VAL A 96 -1.43 1.15 15.70
C VAL A 96 -2.57 0.33 16.17
N GLU A 98 -5.93 0.57 14.62
N GLU A 98 -5.75 0.73 14.63
N GLU A 98 -6.03 0.80 14.51
CA GLU A 98 -6.59 0.39 13.34
CA GLU A 98 -6.42 0.33 13.42
CA GLU A 98 -6.62 0.53 13.22
C GLU A 98 -5.52 0.61 12.28
C GLU A 98 -5.41 0.58 12.30
C GLU A 98 -5.53 0.68 12.21
N PRO A 99 -5.38 -0.33 11.32
CA PRO A 99 -4.32 -0.22 10.28
C PRO A 99 -4.14 1.19 9.77
N LEU A 100 -2.91 1.65 9.78
CA LEU A 100 -2.63 3.03 9.57
C LEU A 100 -2.10 3.23 8.16
N ASP A 101 -2.82 4.04 7.36
CA ASP A 101 -2.34 4.49 6.08
C ASP A 101 -1.81 5.91 6.26
N TYR A 102 -0.60 6.18 5.83
CA TYR A 102 -0.03 7.50 5.99
C TYR A 102 0.96 7.79 4.91
N LEU A 103 1.14 9.07 4.67
N LEU A 103 1.20 9.08 4.68
CA LEU A 103 2.22 9.58 3.89
CA LEU A 103 2.27 9.60 3.81
C LEU A 103 3.33 10.00 4.85
C LEU A 103 3.41 10.17 4.66
N LEU A 104 4.56 9.80 4.41
N LEU A 104 4.65 9.71 4.45
CA LEU A 104 5.68 10.17 5.22
CA LEU A 104 5.86 10.37 5.01
C LEU A 104 6.67 10.79 4.22
C LEU A 104 6.61 11.14 3.94
N SER A 105 6.97 12.09 4.36
N SER A 105 6.95 12.34 4.26
CA SER A 105 7.85 12.91 3.46
CA SER A 105 7.63 13.00 3.27
C SER A 105 8.85 13.85 4.15
C SER A 105 8.99 12.33 3.10
N SER A 106 9.95 14.16 3.50
N SER A 106 9.40 12.31 1.84
CA SER A 106 10.90 15.15 3.89
CA SER A 106 10.70 11.77 1.40
C SER A 106 12.18 14.34 4.20
C SER A 106 11.69 12.89 1.21
N GLY B 1 13.12 11.37 -8.20
CA GLY B 1 13.77 10.21 -7.50
C GLY B 1 13.64 8.95 -8.34
N ALA B 3 12.80 6.48 -11.49
CA ALA B 3 12.89 6.53 -12.95
C ALA B 3 11.50 6.34 -13.54
N PRO B 4 11.31 6.79 -14.79
CA PRO B 4 9.96 6.61 -15.41
C PRO B 4 9.42 5.17 -15.37
N ASP B 5 10.28 4.18 -15.58
N ASP B 5 10.29 4.19 -15.57
CA ASP B 5 9.80 2.79 -15.61
CA ASP B 5 9.86 2.78 -15.61
C ASP B 5 9.51 2.23 -14.23
C ASP B 5 9.63 2.18 -14.22
N GLN B 6 9.83 2.98 -13.18
CA GLN B 6 9.60 2.56 -11.83
C GLN B 6 8.32 3.05 -11.28
N GLN B 7 7.51 3.74 -12.08
N GLN B 7 7.59 3.89 -12.02
CA GLN B 7 6.28 4.39 -11.64
CA GLN B 7 6.30 4.38 -11.56
C GLN B 7 5.18 4.38 -12.71
C GLN B 7 5.27 4.30 -12.68
N VAL B 8 3.96 4.52 -12.23
N VAL B 8 4.03 4.52 -12.30
CA VAL B 8 2.75 4.46 -12.99
CA VAL B 8 2.93 4.51 -13.23
C VAL B 8 2.05 5.84 -12.93
C VAL B 8 2.11 5.76 -13.01
N PRO B 9 1.76 6.45 -14.09
CA PRO B 9 1.01 7.71 -14.01
C PRO B 9 -0.39 7.51 -13.41
N ALA B 10 -0.75 8.47 -12.60
N ALA B 10 -0.73 8.32 -12.43
CA ALA B 10 -1.96 8.38 -11.82
CA ALA B 10 -1.99 8.14 -11.66
C ALA B 10 -2.68 9.71 -11.79
C ALA B 10 -2.45 9.49 -11.15
N THR B 11 -3.95 9.62 -11.39
N THR B 11 -3.76 9.74 -11.22
CA THR B 11 -4.75 10.75 -11.07
CA THR B 11 -4.32 11.00 -10.80
C THR B 11 -5.01 10.85 -9.59
C THR B 11 -4.93 11.01 -9.38
N ALA B 12 -5.21 9.73 -8.91
N ALA B 12 -5.17 9.83 -8.78
CA ALA B 12 -5.52 9.82 -7.49
CA ALA B 12 -5.75 9.77 -7.43
C ALA B 12 -5.24 8.51 -6.83
C ALA B 12 -5.32 8.49 -6.75
N LEU B 13 -5.21 8.56 -5.50
N LEU B 13 -4.86 8.61 -5.49
CA LEU B 13 -5.00 7.37 -4.71
CA LEU B 13 -4.60 7.47 -4.57
C LEU B 13 -5.96 7.39 -3.59
C LEU B 13 -5.71 7.35 -3.47
N GLY B 14 -6.35 6.19 -3.24
CA GLY B 14 -7.30 6.00 -2.16
C GLY B 14 -6.61 6.07 -0.80
N LYS B 15 -7.29 6.69 0.14
CA LYS B 15 -6.74 6.86 1.50
C LYS B 15 -6.62 5.54 2.23
N SER B 16 -7.66 4.70 2.15
N SER B 16 -7.67 4.73 2.19
CA SER B 16 -7.77 3.54 3.00
CA SER B 16 -7.65 3.55 2.99
C SER B 16 -7.38 2.24 2.32
C SER B 16 -7.22 2.31 2.24
N SER B 17 -6.53 1.46 2.98
CA SER B 17 -6.23 0.12 2.52
C SER B 17 -7.21 -0.91 3.09
N ARG B 18 -7.27 -2.05 2.42
N ARG B 18 -7.52 -1.88 2.21
CA ARG B 18 -7.93 -3.24 2.96
CA ARG B 18 -8.40 -3.04 2.47
C ARG B 18 -6.90 -4.33 3.03
C ARG B 18 -7.48 -4.24 2.58
N ILE B 19 -6.83 -4.99 4.19
N ILE B 19 -7.57 -4.96 3.70
CA ILE B 19 -5.91 -6.08 4.44
CA ILE B 19 -6.56 -5.96 4.06
C ILE B 19 -6.73 -7.38 4.47
C ILE B 19 -7.07 -7.40 4.15
N SER B 20 -6.23 -8.42 3.82
CA SER B 20 -6.81 -9.75 3.76
C SER B 20 -5.73 -10.80 3.82
N LEU B 21 -6.16 -12.05 3.84
CA LEU B 21 -5.27 -13.23 3.77
C LEU B 21 -4.29 -13.22 4.92
N ASP B 22 -4.82 -13.05 6.12
N ASP B 22 -4.86 -13.08 6.12
CA ASP B 22 -3.99 -13.09 7.33
CA ASP B 22 -4.11 -13.03 7.38
C ASP B 22 -2.86 -12.11 7.29
C ASP B 22 -2.92 -12.10 7.35
N GLY B 23 -3.17 -10.90 6.83
CA GLY B 23 -2.21 -9.84 6.80
C GLY B 23 -1.26 -9.79 5.62
N ARG B 24 -1.44 -10.68 4.67
CA ARG B 24 -0.50 -10.85 3.59
C ARG B 24 -0.91 -10.24 2.25
N ARG B 25 -2.13 -9.74 2.15
CA ARG B 25 -2.58 -9.02 0.99
C ARG B 25 -3.10 -7.66 1.45
N SER B 26 -2.72 -6.60 0.76
CA SER B 26 -3.24 -5.27 1.03
C SER B 26 -3.50 -4.58 -0.28
N GLU B 27 -4.49 -3.73 -0.28
N GLU B 27 -4.64 -3.89 -0.37
CA GLU B 27 -4.73 -2.97 -1.45
CA GLU B 27 -5.00 -3.15 -1.58
C GLU B 27 -5.40 -1.69 -1.14
C GLU B 27 -5.61 -1.78 -1.27
N ARG B 28 -5.23 -0.76 -2.05
CA ARG B 28 -5.97 0.51 -2.02
C ARG B 28 -6.47 0.75 -3.44
N SER B 29 -7.57 1.47 -3.56
CA SER B 29 -8.04 1.88 -4.86
C SER B 29 -7.19 3.02 -5.39
N VAL B 30 -6.98 3.05 -6.71
CA VAL B 30 -6.29 4.13 -7.38
C VAL B 30 -7.03 4.45 -8.68
N ILE B 31 -6.81 5.70 -9.12
N ILE B 31 -6.94 5.70 -9.12
CA ILE B 31 -7.30 6.21 -10.40
CA ILE B 31 -7.39 6.06 -10.44
C ILE B 31 -6.06 6.44 -11.25
C ILE B 31 -6.17 6.42 -11.24
N LEU B 32 -5.96 5.73 -12.36
CA LEU B 32 -4.83 5.90 -13.23
C LEU B 32 -5.04 7.13 -14.12
N ALA B 33 -3.99 7.49 -14.86
CA ALA B 33 -4.07 8.65 -15.75
C ALA B 33 -5.22 8.56 -16.73
N ASP B 34 -5.57 7.35 -17.15
CA ASP B 34 -6.69 7.17 -18.06
C ASP B 34 -8.06 7.31 -17.42
N GLY B 35 -8.14 7.55 -16.13
CA GLY B 35 -9.37 7.74 -15.44
C GLY B 35 -9.97 6.50 -14.84
N SER B 36 -9.38 5.34 -15.13
CA SER B 36 -9.95 4.08 -14.67
C SER B 36 -9.50 3.75 -13.26
N HIS B 38 -8.52 0.94 -10.34
N HIS B 38 -8.70 0.97 -10.21
CA HIS B 38 -7.93 -0.35 -10.09
CA HIS B 38 -8.16 -0.33 -10.00
C HIS B 38 -7.72 -0.49 -8.58
C HIS B 38 -7.64 -0.50 -8.59
N SER B 39 -7.55 -1.73 -8.14
N SER B 39 -7.59 -1.75 -8.16
CA SER B 39 -7.03 -2.04 -6.80
CA SER B 39 -7.07 -2.06 -6.86
C SER B 39 -5.54 -2.26 -6.94
C SER B 39 -5.56 -2.34 -6.87
N LEU B 40 -4.76 -1.36 -6.39
CA LEU B 40 -3.31 -1.44 -6.36
C LEU B 40 -2.97 -2.31 -5.17
N THR B 41 -2.50 -3.53 -5.48
CA THR B 41 -2.40 -4.63 -4.54
C THR B 41 -0.98 -5.03 -4.32
N LEU B 42 -0.67 -5.37 -3.06
CA LEU B 42 0.57 -6.02 -2.68
C LEU B 42 0.23 -7.36 -2.05
N LEU B 43 0.85 -8.42 -2.57
CA LEU B 43 0.67 -9.78 -2.05
C LEU B 43 2.04 -10.27 -1.62
N HIS B 44 2.18 -10.53 -0.32
CA HIS B 44 3.44 -10.96 0.23
C HIS B 44 3.82 -12.36 -0.23
N PRO B 45 5.09 -12.74 -0.18
CA PRO B 45 5.46 -14.12 -0.49
C PRO B 45 4.64 -15.10 0.33
N GLY B 46 4.24 -16.17 -0.32
CA GLY B 46 3.39 -17.19 0.30
C GLY B 46 2.66 -17.98 -0.77
N VAL B 47 1.80 -18.84 -0.28
N VAL B 47 1.83 -18.91 -0.33
CA VAL B 47 1.04 -19.77 -1.09
CA VAL B 47 1.03 -19.72 -1.25
C VAL B 47 -0.44 -19.53 -0.78
C VAL B 47 -0.46 -19.70 -0.88
N TYR B 48 -1.23 -19.14 -1.79
CA TYR B 48 -2.59 -18.68 -1.60
C TYR B 48 -3.55 -19.46 -2.43
N THR B 49 -4.63 -19.91 -1.81
CA THR B 49 -5.72 -20.63 -2.42
C THR B 49 -6.90 -19.69 -2.51
N LEU B 50 -7.26 -19.30 -3.73
CA LEU B 50 -8.15 -18.17 -3.96
C LEU B 50 -9.22 -18.54 -4.97
N SER B 51 -10.20 -17.67 -5.07
N SER B 51 -10.32 -17.77 -5.03
CA SER B 51 -11.09 -17.75 -6.16
CA SER B 51 -11.39 -18.00 -6.01
C SER B 51 -11.59 -16.39 -6.55
C SER B 51 -12.01 -16.67 -6.48
N SER B 52 -12.01 -16.36 -7.80
CA SER B 52 -12.64 -15.16 -8.32
C SER B 52 -14.15 -15.34 -8.31
N GLU B 53 -14.83 -14.21 -8.26
CA GLU B 53 -16.26 -14.09 -8.52
C GLU B 53 -16.36 -13.48 -9.91
N VAL B 54 -16.45 -12.18 -10.04
CA VAL B 54 -16.34 -11.57 -11.33
C VAL B 54 -14.91 -11.75 -11.93
N ALA B 55 -14.82 -11.66 -13.24
CA ALA B 55 -13.53 -11.75 -13.92
C ALA B 55 -12.62 -10.64 -13.45
N GLU B 56 -11.33 -10.95 -13.42
N GLU B 56 -11.33 -10.93 -13.37
CA GLU B 56 -10.31 -10.04 -12.95
CA GLU B 56 -10.35 -9.92 -12.94
C GLU B 56 -9.27 -9.85 -14.05
C GLU B 56 -9.18 -9.83 -13.89
N THR B 57 -8.87 -8.60 -14.27
CA THR B 57 -7.69 -8.30 -15.08
C THR B 57 -6.56 -7.93 -14.13
N ILE B 58 -5.48 -8.71 -14.20
N ILE B 58 -5.41 -8.61 -14.22
N ILE B 58 -5.41 -8.55 -14.35
CA ILE B 58 -4.29 -8.52 -13.39
CA ILE B 58 -4.25 -8.31 -13.37
CA ILE B 58 -4.27 -8.42 -13.51
C ILE B 58 -3.16 -7.99 -14.26
C ILE B 58 -3.07 -7.89 -14.24
C ILE B 58 -3.15 -7.80 -14.35
N ARG B 59 -2.56 -6.91 -13.76
N ARG B 59 -2.58 -6.65 -13.99
N ARG B 59 -2.53 -6.76 -13.83
CA ARG B 59 -1.41 -6.26 -14.40
CA ARG B 59 -1.34 -6.17 -14.58
CA ARG B 59 -1.37 -6.18 -14.48
C ARG B 59 -0.30 -6.26 -13.35
C ARG B 59 -0.26 -6.15 -13.47
C ARG B 59 -0.25 -6.15 -13.43
N VAL B 60 0.75 -7.02 -13.61
CA VAL B 60 1.81 -7.14 -12.63
C VAL B 60 2.83 -6.02 -12.83
N LEU B 61 3.07 -5.27 -11.79
CA LEU B 61 4.02 -4.17 -11.82
C LEU B 61 5.44 -4.61 -11.41
N SER B 62 5.52 -5.51 -10.43
CA SER B 62 6.78 -5.91 -9.83
C SER B 62 6.54 -7.25 -9.12
N GLY B 63 7.60 -8.04 -9.01
CA GLY B 63 7.57 -9.29 -8.27
C GLY B 63 7.44 -10.50 -9.18
N ALA B 65 5.33 -14.45 -9.37
CA ALA B 65 4.43 -15.47 -8.82
C ALA B 65 4.10 -16.50 -9.85
N TYR B 66 3.69 -17.67 -9.37
CA TYR B 66 3.12 -18.74 -10.18
C TYR B 66 1.63 -18.83 -9.97
N TYR B 67 0.88 -18.77 -11.08
CA TYR B 67 -0.57 -18.90 -11.08
C TYR B 67 -0.93 -20.30 -11.56
N HIS B 68 -1.82 -20.99 -10.85
CA HIS B 68 -2.26 -22.30 -11.26
C HIS B 68 -3.81 -22.35 -11.15
N ALA B 69 -4.46 -22.39 -12.30
CA ALA B 69 -5.90 -22.57 -12.37
C ALA B 69 -6.25 -24.00 -12.00
N GLU B 70 -7.31 -24.20 -11.22
CA GLU B 70 -7.63 -25.49 -10.68
C GLU B 70 -7.56 -26.61 -11.63
N GLY B 71 -8.19 -26.38 -12.79
CA GLY B 71 -8.28 -27.43 -13.79
C GLY B 71 -7.20 -27.49 -14.88
N ALA B 72 -6.18 -26.64 -14.81
CA ALA B 72 -5.10 -26.59 -15.75
C ALA B 72 -4.01 -27.59 -15.33
N ASN B 73 -3.18 -27.99 -16.28
CA ASN B 73 -2.09 -28.90 -16.01
C ASN B 73 -0.71 -28.27 -15.95
N ASP B 74 -0.65 -26.96 -16.02
N ASP B 74 -0.67 -26.94 -15.98
CA ASP B 74 0.58 -26.24 -15.82
CA ASP B 74 0.59 -26.16 -16.08
C ASP B 74 0.24 -24.88 -15.23
C ASP B 74 0.47 -24.87 -15.30
N VAL B 75 1.27 -24.26 -14.67
N VAL B 75 1.51 -24.51 -14.55
CA VAL B 75 1.18 -22.90 -14.16
CA VAL B 75 1.55 -23.16 -13.98
C VAL B 75 1.35 -21.88 -15.27
C VAL B 75 1.89 -22.13 -15.07
N GLN B 76 0.96 -20.63 -14.98
N GLN B 76 1.43 -20.92 -14.81
CA GLN B 76 1.32 -19.42 -15.74
CA GLN B 76 1.73 -19.75 -15.61
C GLN B 76 2.27 -18.57 -14.85
C GLN B 76 2.48 -18.83 -14.72
N GLU B 77 3.48 -18.27 -15.29
CA GLU B 77 4.36 -17.39 -14.54
C GLU B 77 3.99 -15.94 -14.73
N LEU B 78 3.99 -15.20 -13.65
CA LEU B 78 3.73 -13.76 -13.62
C LEU B 78 4.99 -13.03 -13.17
N HIS B 79 5.47 -12.15 -14.03
CA HIS B 79 6.61 -11.30 -13.79
C HIS B 79 6.23 -9.84 -14.07
N ALA B 80 7.11 -8.93 -13.75
CA ALA B 80 6.86 -7.51 -14.04
C ALA B 80 6.50 -7.36 -15.50
N GLY B 81 5.45 -6.60 -15.76
CA GLY B 81 4.98 -6.33 -17.10
C GLY B 81 4.00 -7.33 -17.67
N ASP B 82 3.77 -8.42 -16.98
CA ASP B 82 2.79 -9.39 -17.44
C ASP B 82 1.38 -8.98 -17.08
N SER B 83 0.44 -9.44 -17.89
CA SER B 83 -0.97 -9.29 -17.62
C SER B 83 -1.67 -10.58 -17.89
N VAL B 85 -5.98 -12.40 -17.48
CA VAL B 85 -7.34 -12.35 -17.03
C VAL B 85 -7.65 -13.64 -16.30
N ILE B 86 -8.11 -13.49 -15.06
CA ILE B 86 -8.66 -14.59 -14.28
C ILE B 86 -10.14 -14.64 -14.60
N PRO B 87 -10.63 -15.71 -15.23
CA PRO B 87 -12.04 -15.76 -15.58
C PRO B 87 -12.92 -15.72 -14.38
N ALA B 88 -14.20 -15.44 -14.61
CA ALA B 88 -15.18 -15.47 -13.53
C ALA B 88 -15.27 -16.85 -12.93
N ASN B 89 -15.51 -16.91 -11.64
N ASN B 89 -15.54 -16.86 -11.62
CA ASN B 89 -15.82 -18.17 -11.00
CA ASN B 89 -15.81 -18.07 -10.80
C ASN B 89 -14.69 -19.17 -11.15
C ASN B 89 -14.70 -19.13 -10.88
N GLN B 90 -13.46 -18.68 -10.92
CA GLN B 90 -12.25 -19.51 -11.11
C GLN B 90 -11.61 -19.77 -9.75
N SER B 91 -11.35 -21.04 -9.46
N SER B 91 -11.38 -21.03 -9.37
CA SER B 91 -10.49 -21.42 -8.34
CA SER B 91 -10.50 -21.28 -8.22
C SER B 91 -9.04 -21.51 -8.82
C SER B 91 -9.08 -21.56 -8.72
N TYR B 92 -8.11 -20.95 -8.04
CA TYR B 92 -6.73 -20.93 -8.47
C TYR B 92 -5.81 -20.85 -7.26
N ARG B 93 -4.55 -21.14 -7.51
CA ARG B 93 -3.49 -20.94 -6.53
C ARG B 93 -2.55 -19.88 -7.03
N LEU B 94 -2.14 -18.92 -6.18
N LEU B 94 -2.02 -19.10 -6.14
CA LEU B 94 -0.97 -18.04 -6.41
CA LEU B 94 -1.08 -18.10 -6.52
C LEU B 94 0.13 -18.41 -5.45
C LEU B 94 0.10 -18.23 -5.52
N GLU B 95 1.29 -18.66 -6.00
CA GLU B 95 2.47 -18.91 -5.20
C GLU B 95 3.42 -17.76 -5.48
N VAL B 96 3.53 -16.84 -4.52
CA VAL B 96 4.31 -15.63 -4.68
C VAL B 96 5.72 -15.87 -4.18
N GLU B 98 8.48 -13.48 -5.05
CA GLU B 98 8.96 -12.14 -4.76
C GLU B 98 7.69 -11.29 -4.62
N PRO B 99 7.62 -10.41 -3.59
CA PRO B 99 6.41 -9.64 -3.32
C PRO B 99 5.77 -9.11 -4.59
N LEU B 100 4.48 -9.35 -4.75
CA LEU B 100 3.80 -9.11 -6.01
C LEU B 100 3.02 -7.82 -5.87
N ASP B 101 3.40 -6.82 -6.66
CA ASP B 101 2.68 -5.57 -6.80
C ASP B 101 1.89 -5.62 -8.10
N TYR B 102 0.59 -5.40 -8.04
CA TYR B 102 -0.21 -5.52 -9.23
C TYR B 102 -1.42 -4.63 -9.15
N LEU B 103 -1.92 -4.28 -10.35
CA LEU B 103 -3.18 -3.58 -10.51
C LEU B 103 -4.26 -4.60 -10.85
N LEU B 104 -5.33 -4.65 -10.08
CA LEU B 104 -6.45 -5.57 -10.32
C LEU B 104 -7.65 -4.73 -10.71
N SER B 105 -8.20 -5.00 -11.87
N SER B 105 -8.25 -5.13 -11.86
CA SER B 105 -9.42 -4.35 -12.24
CA SER B 105 -9.44 -4.51 -12.46
C SER B 105 -10.54 -5.37 -12.46
C SER B 105 -10.59 -5.52 -12.47
N SER B 106 -11.66 -5.04 -11.85
N SER B 106 -11.83 -5.03 -12.37
CA SER B 106 -12.82 -5.92 -11.85
CA SER B 106 -12.99 -5.87 -12.70
C SER B 106 -14.10 -5.10 -11.87
C SER B 106 -14.10 -5.07 -13.28
#